data_4OS4
#
_entry.id   4OS4
#
_cell.length_a   52.427
_cell.length_b   53.874
_cell.length_c   82.988
_cell.angle_alpha   90.00
_cell.angle_beta   90.00
_cell.angle_gamma   90.00
#
_symmetry.space_group_name_H-M   'P 21 21 21'
#
loop_
_entity.id
_entity.type
_entity.pdbx_description
1 polymer 'Urokinase-type plasminogen activator'
2 polymer 'bicyclic peptide UK603 (bicyclic 1)'
3 non-polymer 'SULFATE ION'
4 non-polymer GLYCEROL
5 non-polymer 'ACETATE ION'
6 non-polymer 'CHLORIDE ION'
7 water water
#
loop_
_entity_poly.entity_id
_entity_poly.type
_entity_poly.pdbx_seq_one_letter_code
_entity_poly.pdbx_strand_id
1 'polypeptide(L)'
;IIGGEFTTIENQPWFAAIYRRHRGGSVTYVCGGSLISPCWVISATHCFIDYPKKEDYIVYLGRSRLNSNTQGEMKFEVEN
LILHKDYSADTLAHHNDIALLKIRSKEGRCAQPSRTIQTIALPSMYNDPQFGTSCEITGFGKEQSTDYLYPEQLKMTVVK
LISHRECQQPHYYGSEVTTKMLCAADPQWKTDSCQGDSGGPLVCSLQGRMTLTGIVSWGRGCALKDKPGVYTRVSHFLPW
IRSHT
;
A
2 'polypeptide(L)' G(81R)ALGRGCENHRCL(NH2) B
#
loop_
_chem_comp.id
_chem_comp.type
_chem_comp.name
_chem_comp.formula
ACT non-polymer 'ACETATE ION' 'C2 H3 O2 -1'
CL non-polymer 'CHLORIDE ION' 'Cl -1'
GOL non-polymer GLYCEROL 'C3 H8 O3'
NH2 non-polymer 'AMINO GROUP' 'H2 N'
SO4 non-polymer 'SULFATE ION' 'O4 S -2'
#
# COMPACT_ATOMS: atom_id res chain seq x y z
N ILE A 1 -9.13 1.34 5.75
CA ILE A 1 -8.90 2.69 6.35
C ILE A 1 -9.88 2.95 7.51
N ILE A 2 -9.36 3.17 8.71
CA ILE A 2 -10.14 3.54 9.89
C ILE A 2 -10.42 5.04 9.82
N GLY A 3 -11.69 5.43 9.96
CA GLY A 3 -12.08 6.83 9.84
C GLY A 3 -11.85 7.32 8.43
N GLY A 4 -11.44 8.57 8.30
CA GLY A 4 -11.22 9.16 6.99
C GLY A 4 -12.49 9.29 6.17
N GLU A 5 -12.35 9.16 4.86
CA GLU A 5 -13.40 9.51 3.92
C GLU A 5 -13.52 8.53 2.78
N PHE A 6 -14.76 8.23 2.38
CA PHE A 6 -15.01 7.58 1.11
C PHE A 6 -14.57 8.48 -0.03
N THR A 7 -13.99 7.88 -1.05
CA THR A 7 -13.41 8.62 -2.12
C THR A 7 -13.73 7.92 -3.45
N THR A 8 -13.24 8.50 -4.53
CA THR A 8 -13.45 7.96 -5.85
C THR A 8 -12.10 7.96 -6.58
N ILE A 9 -11.95 7.07 -7.55
CA ILE A 9 -10.62 6.85 -8.15
C ILE A 9 -10.02 8.07 -8.84
N GLU A 10 -10.87 8.94 -9.38
CA GLU A 10 -10.38 10.19 -9.99
C GLU A 10 -9.58 11.04 -9.00
N ASN A 11 -9.84 10.86 -7.71
CA ASN A 11 -9.10 11.58 -6.67
C ASN A 11 -7.77 10.92 -6.30
N GLN A 12 -7.62 9.66 -6.72
CA GLN A 12 -6.49 8.79 -6.35
C GLN A 12 -6.08 7.94 -7.57
N PRO A 13 -5.85 8.55 -8.74
CA PRO A 13 -5.85 7.73 -9.97
C PRO A 13 -4.64 6.82 -10.21
N TRP A 14 -3.62 6.92 -9.35
CA TRP A 14 -2.51 5.97 -9.34
C TRP A 14 -2.84 4.73 -8.53
N PHE A 15 -3.99 4.72 -7.85
CA PHE A 15 -4.31 3.60 -6.98
C PHE A 15 -4.61 2.31 -7.76
N ALA A 16 -3.90 1.24 -7.39
CA ALA A 16 -4.08 -0.08 -7.97
C ALA A 16 -4.70 -1.04 -6.94
N ALA A 17 -5.70 -1.78 -7.39
CA ALA A 17 -6.43 -2.74 -6.56
C ALA A 17 -5.96 -4.13 -6.98
N ILE A 18 -5.40 -4.86 -6.04
CA ILE A 18 -4.80 -6.14 -6.33
C ILE A 18 -5.57 -7.28 -5.68
N TYR A 19 -5.96 -8.24 -6.51
CA TYR A 19 -6.73 -9.41 -6.11
C TYR A 19 -6.01 -10.70 -6.46
N ARG A 20 -6.50 -11.79 -5.88
CA ARG A 20 -5.94 -13.10 -6.12
C ARG A 20 -7.04 -14.09 -6.46
N ARG A 21 -6.84 -14.81 -7.55
CA ARG A 21 -7.82 -15.81 -7.98
C ARG A 21 -7.51 -17.12 -7.27
N HIS A 22 -8.57 -17.82 -6.85
CA HIS A 22 -8.41 -19.08 -6.12
C HIS A 22 -8.93 -20.23 -6.94
N ARG A 23 -8.51 -21.43 -6.58
CA ARG A 23 -8.98 -22.62 -7.28
C ARG A 23 -10.48 -22.78 -6.97
N GLY A 24 -11.28 -22.91 -8.03
CA GLY A 24 -12.74 -22.84 -7.92
C GLY A 24 -13.26 -21.55 -8.51
N GLY A 25 -12.34 -20.59 -8.73
CA GLY A 25 -12.66 -19.36 -9.45
C GLY A 25 -13.10 -18.18 -8.61
N SER A 26 -13.04 -18.31 -7.27
CA SER A 26 -13.37 -17.18 -6.39
C SER A 26 -12.19 -16.20 -6.36
N VAL A 27 -12.50 -14.93 -6.22
CA VAL A 27 -11.49 -13.88 -6.21
C VAL A 27 -11.57 -13.13 -4.89
N THR A 28 -10.42 -12.94 -4.24
CA THR A 28 -10.36 -12.17 -2.99
C THR A 28 -9.41 -11.00 -3.13
N TYR A 29 -9.69 -9.93 -2.37
CA TYR A 29 -8.82 -8.76 -2.40
C TYR A 29 -7.58 -9.07 -1.58
N VAL A 30 -6.42 -8.63 -2.07
CA VAL A 30 -5.16 -8.85 -1.36
C VAL A 30 -4.63 -7.57 -0.73
N CYS A 31 -4.37 -6.59 -1.58
CA CYS A 31 -3.64 -5.41 -1.18
C CYS A 31 -3.77 -4.32 -2.19
N GLY A 32 -3.36 -3.12 -1.79
CA GLY A 32 -3.27 -2.00 -2.69
C GLY A 32 -1.90 -1.92 -3.35
N GLY A 33 -1.81 -0.96 -4.25
CA GLY A 33 -0.61 -0.69 -5.03
C GLY A 33 -0.69 0.70 -5.61
N SER A 34 0.43 1.12 -6.21
CA SER A 34 0.52 2.45 -6.81
C SER A 34 1.19 2.37 -8.18
N LEU A 35 0.58 3.01 -9.16
CA LEU A 35 1.10 2.99 -10.51
C LEU A 35 2.22 4.03 -10.67
N ILE A 36 3.45 3.57 -10.86
CA ILE A 36 4.60 4.47 -10.97
C ILE A 36 5.09 4.68 -12.40
N SER A 37 4.67 3.81 -13.31
CA SER A 37 4.86 4.01 -14.73
C SER A 37 3.79 3.14 -15.40
N PRO A 38 3.56 3.35 -16.71
CA PRO A 38 2.43 2.63 -17.31
C PRO A 38 2.47 1.10 -17.16
N CYS A 39 3.67 0.51 -17.10
CA CYS A 39 3.81 -0.95 -16.99
C CYS A 39 4.11 -1.46 -15.58
N TRP A 40 4.25 -0.57 -14.60
CA TRP A 40 4.75 -0.95 -13.29
C TRP A 40 3.89 -0.41 -12.11
N VAL A 41 3.43 -1.32 -11.29
CA VAL A 41 2.77 -1.03 -10.02
C VAL A 41 3.73 -1.44 -8.91
N ILE A 42 3.82 -0.60 -7.90
CA ILE A 42 4.64 -0.84 -6.73
C ILE A 42 3.74 -1.11 -5.51
N SER A 43 4.14 -2.08 -4.70
CA SER A 43 3.33 -2.54 -3.58
C SER A 43 4.27 -3.09 -2.51
N ALA A 44 3.79 -3.98 -1.64
CA ALA A 44 4.58 -4.52 -0.53
C ALA A 44 4.82 -6.01 -0.70
N THR A 45 6.05 -6.46 -0.47
CA THR A 45 6.38 -7.87 -0.63
C THR A 45 5.52 -8.77 0.24
N HIS A 46 5.19 -8.31 1.46
CA HIS A 46 4.44 -9.17 2.37
C HIS A 46 3.07 -9.60 1.85
N CYS A 47 2.51 -8.83 0.92
CA CYS A 47 1.22 -9.14 0.34
C CYS A 47 1.26 -10.38 -0.57
N PHE A 48 2.46 -10.77 -1.00
CA PHE A 48 2.63 -11.86 -1.97
C PHE A 48 3.54 -13.00 -1.53
N ILE A 49 4.30 -12.81 -0.45
CA ILE A 49 5.40 -13.73 -0.12
C ILE A 49 4.95 -15.18 0.10
N ASP A 50 3.76 -15.37 0.66
CA ASP A 50 3.26 -16.70 0.92
C ASP A 50 2.63 -17.34 -0.33
N TYR A 51 2.33 -16.54 -1.35
CA TYR A 51 1.76 -17.03 -2.61
C TYR A 51 2.42 -16.32 -3.80
N PRO A 52 3.70 -16.61 -4.02
CA PRO A 52 4.54 -15.86 -4.95
C PRO A 52 4.40 -16.30 -6.40
N LYS A 53 3.17 -16.63 -6.82
CA LYS A 53 2.87 -17.14 -8.15
C LYS A 53 2.15 -16.04 -8.93
N LYS A 54 2.84 -15.41 -9.88
CA LYS A 54 2.28 -14.22 -10.55
C LYS A 54 0.94 -14.49 -11.24
N GLU A 55 0.74 -15.72 -11.71
CA GLU A 55 -0.50 -16.08 -12.41
C GLU A 55 -1.77 -15.94 -11.54
N ASP A 56 -1.60 -15.99 -10.22
CA ASP A 56 -2.72 -15.88 -9.27
C ASP A 56 -3.35 -14.49 -9.23
N TYR A 57 -2.63 -13.46 -9.69
CA TYR A 57 -3.02 -12.10 -9.35
C TYR A 57 -3.68 -11.35 -10.50
N ILE A 58 -4.65 -10.53 -10.11
CA ILE A 58 -5.32 -9.61 -10.99
C ILE A 58 -5.09 -8.20 -10.43
N VAL A 59 -4.71 -7.28 -11.30
CA VAL A 59 -4.55 -5.88 -10.93
C VAL A 59 -5.57 -5.01 -11.70
N TYR A 60 -6.34 -4.20 -10.97
CA TYR A 60 -7.17 -3.17 -11.61
C TYR A 60 -6.63 -1.77 -11.40
N LEU A 61 -6.75 -0.95 -12.44
CA LEU A 61 -6.60 0.50 -12.37
C LEU A 61 -7.93 1.15 -12.69
N GLY A 62 -8.13 2.37 -12.22
CA GLY A 62 -9.36 3.13 -12.48
C GLY A 62 -10.57 2.55 -11.78
N ARG A 63 -10.34 1.87 -10.67
CA ARG A 63 -11.42 1.19 -9.97
C ARG A 63 -11.72 1.80 -8.60
N SER A 64 -13.00 2.15 -8.38
CA SER A 64 -13.47 2.83 -7.17
C SER A 64 -14.20 1.93 -6.19
N ARG A 65 -14.64 0.77 -6.67
CA ARG A 65 -15.47 -0.15 -5.89
C ARG A 65 -14.85 -1.53 -5.89
N LEU A 66 -15.04 -2.23 -4.79
CA LEU A 66 -14.33 -3.48 -4.53
C LEU A 66 -14.86 -4.66 -5.35
N ASN A 67 -16.18 -4.71 -5.54
CA ASN A 67 -16.83 -5.83 -6.22
C ASN A 67 -17.77 -5.44 -7.35
N SER A 68 -17.74 -4.17 -7.76
CA SER A 68 -18.55 -3.68 -8.86
C SER A 68 -17.61 -3.02 -9.84
N ASN A 69 -18.03 -2.86 -11.09
CA ASN A 69 -17.21 -2.22 -12.10
C ASN A 69 -17.30 -0.70 -12.02
N THR A 70 -16.19 -0.03 -12.32
CA THR A 70 -16.15 1.42 -12.45
C THR A 70 -15.92 1.73 -13.91
N GLN A 71 -16.68 2.69 -14.44
CA GLN A 71 -16.49 3.10 -15.83
C GLN A 71 -15.08 3.60 -16.01
N GLY A 72 -14.41 3.13 -17.06
CA GLY A 72 -13.03 3.51 -17.35
C GLY A 72 -11.98 2.60 -16.72
N GLU A 73 -12.41 1.66 -15.88
CA GLU A 73 -11.46 0.78 -15.21
C GLU A 73 -10.78 -0.14 -16.22
N MET A 74 -9.58 -0.60 -15.88
CA MET A 74 -8.79 -1.46 -16.74
C MET A 74 -8.20 -2.59 -15.91
N LYS A 75 -8.27 -3.79 -16.47
CA LYS A 75 -7.90 -5.01 -15.79
C LYS A 75 -6.57 -5.51 -16.36
N PHE A 76 -5.69 -5.99 -15.48
CA PHE A 76 -4.36 -6.44 -15.89
C PHE A 76 -3.96 -7.76 -15.22
N GLU A 77 -3.11 -8.50 -15.92
CA GLU A 77 -2.37 -9.60 -15.31
C GLU A 77 -0.98 -9.13 -14.98
N VAL A 78 -0.31 -9.95 -14.18
CA VAL A 78 1.04 -9.66 -13.73
C VAL A 78 2.02 -10.44 -14.59
N GLU A 79 2.81 -9.70 -15.39
CA GLU A 79 3.82 -10.28 -16.25
C GLU A 79 5.07 -10.69 -15.47
N ASN A 80 5.41 -9.90 -14.46
CA ASN A 80 6.56 -10.17 -13.59
C ASN A 80 6.21 -9.71 -12.18
N LEU A 81 6.41 -10.61 -11.22
CA LEU A 81 6.23 -10.30 -9.80
C LEU A 81 7.60 -10.30 -9.15
N ILE A 82 8.07 -9.11 -8.77
CA ILE A 82 9.39 -8.95 -8.20
C ILE A 82 9.31 -8.61 -6.71
N LEU A 83 9.75 -9.56 -5.90
CA LEU A 83 9.77 -9.39 -4.45
C LEU A 83 11.17 -9.06 -4.03
N HIS A 84 11.31 -8.31 -2.94
CA HIS A 84 12.62 -7.89 -2.48
C HIS A 84 13.34 -9.07 -1.80
N LYS A 85 14.55 -9.37 -2.28
CA LYS A 85 15.29 -10.56 -1.82
C LYS A 85 15.62 -10.60 -0.33
N ASP A 86 15.75 -9.44 0.30
CA ASP A 86 16.03 -9.41 1.73
C ASP A 86 14.80 -9.08 2.59
N TYR A 87 13.60 -9.29 2.06
CA TYR A 87 12.37 -9.21 2.86
C TYR A 87 12.45 -10.12 4.08
N SER A 88 11.99 -9.63 5.23
CA SER A 88 11.75 -10.50 6.38
C SER A 88 10.75 -9.86 7.31
N ALA A 89 10.18 -10.68 8.18
CA ALA A 89 9.18 -10.23 9.11
C ALA A 89 9.51 -10.68 10.52
N ASP A 90 9.49 -9.70 11.42
CA ASP A 90 9.56 -9.94 12.84
C ASP A 90 8.16 -9.99 13.42
N THR A 91 8.05 -9.96 14.73
CA THR A 91 6.75 -10.01 15.40
C THR A 91 5.78 -8.92 14.90
N LEU A 92 6.29 -7.71 14.69
CA LEU A 92 5.51 -6.58 14.16
C LEU A 92 6.12 -6.03 12.88
N ALA A 93 7.42 -5.80 12.91
CA ALA A 93 8.13 -5.06 11.88
C ALA A 93 8.33 -5.92 10.63
N HIS A 94 8.17 -5.31 9.47
CA HIS A 94 8.45 -5.96 8.21
C HIS A 94 9.57 -5.18 7.56
N HIS A 95 10.52 -5.89 6.98
CA HIS A 95 11.76 -5.31 6.47
C HIS A 95 11.84 -5.47 4.98
N ASN A 96 12.40 -4.45 4.32
CA ASN A 96 12.45 -4.38 2.86
C ASN A 96 11.10 -4.74 2.24
N ASP A 97 10.03 -4.15 2.78
CA ASP A 97 8.67 -4.53 2.41
C ASP A 97 8.21 -3.77 1.17
N ILE A 98 8.67 -4.25 0.02
CA ILE A 98 8.54 -3.52 -1.21
C ILE A 98 8.55 -4.53 -2.35
N ALA A 99 7.66 -4.32 -3.30
CA ALA A 99 7.51 -5.23 -4.42
C ALA A 99 7.06 -4.47 -5.65
N LEU A 100 7.40 -5.04 -6.80
CA LEU A 100 7.06 -4.49 -8.10
C LEU A 100 6.29 -5.51 -8.91
N LEU A 101 5.21 -5.06 -9.52
CA LEU A 101 4.41 -5.87 -10.41
C LEU A 101 4.41 -5.24 -11.80
N LYS A 102 4.97 -5.95 -12.78
CA LYS A 102 4.88 -5.49 -14.17
C LYS A 102 3.53 -5.96 -14.66
N ILE A 103 2.71 -5.03 -15.13
CA ILE A 103 1.34 -5.34 -15.52
C ILE A 103 1.17 -5.41 -17.04
N ARG A 104 0.23 -6.25 -17.46
CA ARG A 104 -0.05 -6.47 -18.88
C ARG A 104 -1.52 -6.80 -19.06
N SER A 105 -2.22 -6.09 -19.95
CA SER A 105 -3.56 -6.50 -20.38
C SER A 105 -3.48 -7.83 -21.13
N LYS A 106 -4.64 -8.45 -21.38
CA LYS A 106 -4.66 -9.67 -22.20
C LYS A 106 -4.09 -9.42 -23.61
N GLU A 107 -4.18 -8.17 -24.09
CA GLU A 107 -3.67 -7.79 -25.40
C GLU A 107 -2.18 -7.45 -25.38
N GLY A 108 -1.56 -7.52 -24.21
CA GLY A 108 -0.14 -7.23 -24.08
C GLY A 108 0.18 -5.78 -23.79
N ARG A 109 -0.81 -4.99 -23.41
CA ARG A 109 -0.58 -3.56 -23.25
C ARG A 109 -0.49 -3.11 -21.79
N CYS A 110 0.26 -2.04 -21.57
CA CYS A 110 0.41 -1.43 -20.27
C CYS A 110 -0.75 -0.46 -20.03
N ALA A 111 -0.71 0.29 -18.93
CA ALA A 111 -1.79 1.22 -18.60
C ALA A 111 -1.87 2.36 -19.60
N GLN A 112 -3.10 2.80 -19.88
CA GLN A 112 -3.29 4.03 -20.65
C GLN A 112 -3.90 5.14 -19.78
N PRO A 113 -3.13 6.20 -19.57
CA PRO A 113 -3.58 7.30 -18.73
C PRO A 113 -4.90 7.88 -19.19
N SER A 114 -5.70 8.30 -18.21
CA SER A 114 -7.02 8.82 -18.45
C SER A 114 -7.32 9.71 -17.25
N ARG A 115 -8.57 10.13 -17.13
CA ARG A 115 -9.00 10.90 -15.98
C ARG A 115 -8.94 10.08 -14.70
N THR A 116 -9.08 8.76 -14.83
CA THR A 116 -9.11 7.89 -13.65
C THR A 116 -7.87 7.01 -13.49
N ILE A 117 -6.92 7.12 -14.40
CA ILE A 117 -5.69 6.33 -14.35
C ILE A 117 -4.48 7.24 -14.66
N GLN A 118 -3.61 7.42 -13.66
CA GLN A 118 -2.43 8.28 -13.79
C GLN A 118 -1.29 7.69 -12.95
N THR A 119 -0.05 7.96 -13.34
CA THR A 119 1.09 7.53 -12.55
C THR A 119 1.30 8.51 -11.39
N ILE A 120 1.99 8.04 -10.35
CA ILE A 120 2.40 8.91 -9.22
C ILE A 120 3.92 9.03 -9.23
N ALA A 121 4.41 10.24 -8.96
CA ALA A 121 5.84 10.51 -9.00
C ALA A 121 6.59 9.82 -7.86
N LEU A 122 7.76 9.27 -8.19
CA LEU A 122 8.65 8.79 -7.16
C LEU A 122 9.39 9.96 -6.50
N PRO A 123 9.78 9.81 -5.23
CA PRO A 123 10.58 10.84 -4.57
C PRO A 123 12.01 10.85 -5.09
N SER A 124 12.74 11.92 -4.79
CA SER A 124 14.17 11.97 -5.10
C SER A 124 14.96 11.45 -3.91
N MET A 125 16.21 11.06 -4.18
CA MET A 125 17.10 10.47 -3.17
C MET A 125 17.20 11.35 -1.91
N TYR A 126 17.16 10.71 -0.74
CA TYR A 126 17.24 11.38 0.58
C TYR A 126 16.27 12.54 0.83
N ASN A 127 15.18 12.63 0.07
CA ASN A 127 14.27 13.77 0.21
C ASN A 127 12.86 13.36 0.59
N ASP A 128 12.62 13.36 1.89
CA ASP A 128 11.30 13.14 2.46
C ASP A 128 10.79 14.42 3.09
N PRO A 129 9.45 14.55 3.22
CA PRO A 129 8.88 15.71 3.89
C PRO A 129 9.32 15.79 5.34
N GLN A 130 9.30 17.00 5.92
CA GLN A 130 9.60 17.21 7.34
C GLN A 130 8.56 16.43 8.16
N PHE A 131 8.94 15.93 9.34
CA PHE A 131 7.93 15.36 10.24
C PHE A 131 6.89 16.44 10.58
N GLY A 132 5.66 16.01 10.85
CA GLY A 132 4.55 16.94 11.03
C GLY A 132 3.77 17.20 9.76
N THR A 133 4.37 16.93 8.59
CA THR A 133 3.69 17.03 7.29
C THR A 133 2.46 16.15 7.21
N SER A 134 1.40 16.68 6.61
CA SER A 134 0.18 15.91 6.36
C SER A 134 0.27 15.16 5.02
N CYS A 135 -0.01 13.87 5.04
CA CYS A 135 0.04 13.04 3.85
C CYS A 135 -1.22 12.22 3.76
N GLU A 136 -1.48 11.66 2.59
CA GLU A 136 -2.69 10.87 2.42
C GLU A 136 -2.42 9.39 2.16
N ILE A 137 -3.36 8.58 2.60
CA ILE A 137 -3.33 7.15 2.34
C ILE A 137 -4.66 6.76 1.73
N THR A 138 -4.63 5.70 0.94
CA THR A 138 -5.80 5.23 0.23
C THR A 138 -5.83 3.72 0.29
N GLY A 139 -7.04 3.16 0.40
CA GLY A 139 -7.19 1.71 0.31
C GLY A 139 -8.59 1.17 0.53
N PHE A 140 -8.73 -0.13 0.32
CA PHE A 140 -10.00 -0.87 0.50
C PHE A 140 -9.95 -1.68 1.79
N GLY A 141 -9.05 -1.33 2.70
CA GLY A 141 -8.88 -2.09 3.94
C GLY A 141 -9.98 -1.89 4.97
N LYS A 142 -9.86 -2.61 6.08
CA LYS A 142 -10.90 -2.60 7.12
C LYS A 142 -11.17 -1.17 7.61
N GLU A 143 -12.43 -0.87 7.87
CA GLU A 143 -12.85 0.38 8.50
C GLU A 143 -12.96 0.29 10.02
N GLN A 144 -13.12 -0.92 10.54
CA GLN A 144 -13.10 -1.16 11.98
C GLN A 144 -12.50 -2.53 12.26
N SER A 145 -11.99 -2.68 13.49
CA SER A 145 -11.41 -3.94 13.95
C SER A 145 -12.34 -5.13 13.74
N THR A 146 -13.62 -4.90 13.98
CA THR A 146 -14.62 -5.98 13.93
C THR A 146 -15.07 -6.35 12.52
N ASP A 147 -14.61 -5.63 11.49
CA ASP A 147 -14.98 -5.96 10.11
C ASP A 147 -14.44 -7.33 9.72
N TYR A 148 -15.28 -8.16 9.08
CA TYR A 148 -14.82 -9.37 8.42
C TYR A 148 -14.92 -9.26 6.90
N LEU A 149 -15.56 -8.19 6.43
CA LEU A 149 -15.59 -7.81 5.02
C LEU A 149 -14.94 -6.45 4.84
N TYR A 150 -14.29 -6.26 3.70
CA TYR A 150 -13.77 -4.95 3.33
C TYR A 150 -14.89 -4.04 2.79
N PRO A 151 -14.73 -2.72 2.96
CA PRO A 151 -15.69 -1.77 2.39
C PRO A 151 -15.82 -1.88 0.87
N GLU A 152 -17.01 -1.62 0.37
CA GLU A 152 -17.26 -1.70 -1.05
C GLU A 152 -16.74 -0.47 -1.80
N GLN A 153 -16.60 0.64 -1.10
CA GLN A 153 -16.12 1.87 -1.71
C GLN A 153 -14.73 2.21 -1.22
N LEU A 154 -13.88 2.62 -2.14
CA LEU A 154 -12.52 3.06 -1.82
C LEU A 154 -12.54 4.17 -0.77
N LYS A 155 -11.54 4.17 0.11
CA LYS A 155 -11.40 5.17 1.13
C LYS A 155 -10.04 5.85 1.09
N MET A 156 -9.99 7.04 1.67
CA MET A 156 -8.76 7.73 1.93
C MET A 156 -8.81 8.39 3.29
N THR A 157 -7.65 8.75 3.79
CA THR A 157 -7.55 9.62 4.95
C THR A 157 -6.25 10.40 4.95
N VAL A 158 -6.13 11.29 5.92
CA VAL A 158 -4.96 12.12 6.05
C VAL A 158 -4.34 11.85 7.41
N VAL A 159 -3.03 11.63 7.40
CA VAL A 159 -2.26 11.38 8.60
C VAL A 159 -1.03 12.27 8.58
N LYS A 160 -0.42 12.42 9.76
CA LYS A 160 0.79 13.22 9.89
C LYS A 160 2.03 12.35 10.05
N LEU A 161 3.09 12.71 9.33
CA LEU A 161 4.38 12.04 9.49
C LEU A 161 4.94 12.28 10.89
N ILE A 162 5.50 11.22 11.45
CA ILE A 162 6.06 11.24 12.80
C ILE A 162 7.56 11.00 12.71
N SER A 163 8.34 11.71 13.51
CA SER A 163 9.80 11.57 13.44
C SER A 163 10.22 10.16 13.87
N HIS A 164 11.40 9.74 13.39
CA HIS A 164 11.99 8.48 13.82
C HIS A 164 12.23 8.52 15.33
N ARG A 165 12.73 9.65 15.83
CA ARG A 165 12.88 9.88 17.28
C ARG A 165 11.66 9.49 18.07
N GLU A 166 10.51 10.02 17.66
CA GLU A 166 9.27 9.79 18.38
C GLU A 166 8.80 8.35 18.24
N CYS A 167 8.91 7.81 17.02
CA CYS A 167 8.38 6.48 16.74
C CYS A 167 9.17 5.37 17.43
N GLN A 168 10.42 5.68 17.75
CA GLN A 168 11.34 4.79 18.44
C GLN A 168 11.25 4.90 19.98
N GLN A 169 10.35 5.75 20.47
CA GLN A 169 10.11 5.82 21.91
C GLN A 169 9.59 4.46 22.39
N PRO A 170 9.85 4.13 23.67
CA PRO A 170 9.46 2.84 24.23
C PRO A 170 7.98 2.52 24.13
N HIS A 171 7.11 3.50 24.32
CA HIS A 171 5.68 3.22 24.25
C HIS A 171 5.16 3.22 22.82
N TYR A 172 6.00 3.65 21.88
CA TYR A 172 5.67 3.54 20.48
C TYR A 172 6.19 2.19 19.99
N TYR A 173 7.26 2.17 19.22
CA TYR A 173 7.77 0.91 18.69
C TYR A 173 9.21 0.59 19.07
N GLY A 174 9.85 1.45 19.85
CA GLY A 174 11.24 1.22 20.22
C GLY A 174 12.14 1.06 19.00
N SER A 175 13.10 0.17 19.14
CA SER A 175 14.08 -0.06 18.08
C SER A 175 13.53 -0.93 16.94
N GLU A 176 12.25 -1.32 17.03
CA GLU A 176 11.65 -2.19 16.00
C GLU A 176 11.41 -1.42 14.71
N VAL A 177 11.27 -0.10 14.82
CA VAL A 177 11.15 0.74 13.64
C VAL A 177 12.54 1.27 13.26
N THR A 178 12.87 1.23 11.98
CA THR A 178 14.20 1.61 11.50
C THR A 178 14.14 2.85 10.62
N THR A 179 15.32 3.35 10.25
CA THR A 179 15.43 4.51 9.38
C THR A 179 14.99 4.23 7.94
N LYS A 180 14.81 2.96 7.58
CA LYS A 180 14.21 2.64 6.28
C LYS A 180 12.68 2.62 6.31
N MET A 181 12.10 3.05 7.44
CA MET A 181 10.66 3.10 7.62
C MET A 181 10.23 4.51 8.04
N LEU A 182 8.98 4.82 7.73
CA LEU A 182 8.36 6.09 8.10
C LEU A 182 7.09 5.79 8.89
N CYS A 183 6.91 6.48 10.01
CA CYS A 183 5.70 6.39 10.80
C CYS A 183 4.79 7.53 10.45
N ALA A 184 3.49 7.27 10.51
CA ALA A 184 2.50 8.29 10.32
C ALA A 184 1.25 7.90 11.07
N ALA A 185 0.59 8.88 11.67
CA ALA A 185 -0.63 8.65 12.43
C ALA A 185 -1.45 9.92 12.60
N ASP A 186 -2.64 9.71 13.12
CA ASP A 186 -3.52 10.80 13.55
C ASP A 186 -3.16 11.20 14.98
N PRO A 187 -2.94 12.50 15.23
CA PRO A 187 -2.65 12.98 16.59
C PRO A 187 -3.67 12.53 17.63
N GLN A 188 -4.91 12.33 17.21
CA GLN A 188 -5.97 11.83 18.10
C GLN A 188 -6.19 10.33 17.97
N TRP A 189 -5.42 9.65 17.12
CA TRP A 189 -5.51 8.18 16.99
C TRP A 189 -6.91 7.75 16.54
N LYS A 190 -7.54 8.56 15.70
CA LYS A 190 -8.88 8.26 15.22
C LYS A 190 -8.95 7.78 13.78
N THR A 191 -7.87 7.95 13.02
CA THR A 191 -7.84 7.47 11.63
C THR A 191 -6.46 6.86 11.34
N ASP A 192 -6.43 5.86 10.46
CA ASP A 192 -5.23 5.05 10.24
C ASP A 192 -5.51 4.12 9.07
N SER A 193 -4.44 3.62 8.45
CA SER A 193 -4.56 2.44 7.61
C SER A 193 -4.83 1.20 8.49
N CYS A 194 -5.33 0.14 7.87
CA CYS A 194 -5.59 -1.11 8.60
C CYS A 194 -5.41 -2.30 7.67
N GLN A 195 -5.63 -3.50 8.18
CA GLN A 195 -5.43 -4.70 7.35
C GLN A 195 -6.21 -4.58 6.03
N GLY A 196 -5.54 -4.88 4.91
CA GLY A 196 -6.12 -4.76 3.57
C GLY A 196 -5.61 -3.52 2.84
N ASP A 197 -5.17 -2.52 3.61
CA ASP A 197 -4.57 -1.31 3.06
C ASP A 197 -3.10 -1.48 2.68
N SER A 198 -2.48 -2.57 3.15
CA SER A 198 -1.06 -2.78 2.90
C SER A 198 -0.77 -2.72 1.41
N GLY A 199 0.40 -2.20 1.08
CA GLY A 199 0.86 -2.08 -0.28
C GLY A 199 0.39 -0.80 -0.94
N GLY A 200 -0.63 -0.17 -0.36
CA GLY A 200 -1.13 1.11 -0.83
C GLY A 200 -0.21 2.30 -0.59
N PRO A 201 -0.54 3.43 -1.24
CA PRO A 201 0.26 4.66 -1.21
C PRO A 201 0.09 5.49 0.05
N LEU A 202 1.22 5.99 0.52
CA LEU A 202 1.28 7.17 1.35
C LEU A 202 1.85 8.29 0.46
N VAL A 203 1.01 9.27 0.12
CA VAL A 203 1.33 10.33 -0.82
C VAL A 203 1.45 11.66 -0.09
N CYS A 204 2.55 12.36 -0.32
CA CYS A 204 2.79 13.67 0.29
C CYS A 204 3.03 14.69 -0.81
N SER A 205 2.59 15.93 -0.57
CA SER A 205 2.84 17.03 -1.48
C SER A 205 4.24 17.54 -1.16
N LEU A 206 5.17 17.26 -2.08
CA LEU A 206 6.59 17.49 -1.88
C LEU A 206 7.06 18.43 -2.99
N GLN A 207 7.28 19.70 -2.66
CA GLN A 207 7.65 20.74 -3.64
C GLN A 207 6.54 20.87 -4.68
N GLY A 208 5.30 20.91 -4.20
CA GLY A 208 4.12 20.98 -5.06
C GLY A 208 3.84 19.79 -5.98
N ARG A 209 4.67 18.75 -5.93
CA ARG A 209 4.44 17.54 -6.71
C ARG A 209 3.92 16.46 -5.75
N MET A 210 2.81 15.83 -6.09
CA MET A 210 2.31 14.67 -5.32
C MET A 210 3.34 13.55 -5.48
N THR A 211 3.80 13.00 -4.36
CA THR A 211 4.93 12.07 -4.37
C THR A 211 4.63 10.80 -3.57
N LEU A 212 5.04 9.66 -4.09
CA LEU A 212 4.90 8.40 -3.38
C LEU A 212 5.99 8.29 -2.32
N THR A 213 5.69 8.81 -1.15
CA THR A 213 6.63 8.88 -0.06
C THR A 213 6.74 7.55 0.68
N GLY A 214 5.61 6.88 0.86
CA GLY A 214 5.61 5.59 1.51
C GLY A 214 4.67 4.57 0.91
N ILE A 215 4.82 3.34 1.38
CA ILE A 215 3.95 2.22 1.03
C ILE A 215 3.49 1.60 2.33
N VAL A 216 2.18 1.42 2.48
CA VAL A 216 1.61 0.88 3.72
C VAL A 216 2.25 -0.48 4.02
N SER A 217 2.85 -0.65 5.21
CA SER A 217 3.63 -1.86 5.51
C SER A 217 3.17 -2.61 6.76
N TRP A 218 3.21 -1.95 7.92
CA TRP A 218 2.85 -2.63 9.18
C TRP A 218 2.38 -1.70 10.28
N GLY A 219 2.04 -2.28 11.43
CA GLY A 219 1.63 -1.54 12.60
C GLY A 219 0.92 -2.45 13.59
N ARG A 220 0.97 -2.09 14.86
CA ARG A 220 0.28 -2.83 15.91
C ARG A 220 -1.17 -2.38 15.95
N GLY A 221 -2.09 -3.30 15.64
CA GLY A 221 -3.51 -2.97 15.55
C GLY A 221 -3.74 -1.92 14.48
N CYS A 222 -4.81 -1.13 14.66
CA CYS A 222 -5.15 -0.04 13.75
C CYS A 222 -5.74 1.14 14.55
N ALA A 223 -5.23 2.33 14.30
CA ALA A 223 -5.59 3.52 15.07
C ALA A 223 -5.45 3.27 16.58
N LEU A 224 -4.42 2.51 16.98
CA LEU A 224 -4.15 2.26 18.40
C LEU A 224 -3.29 3.37 18.95
N LYS A 225 -3.64 3.87 20.12
CA LYS A 225 -2.86 4.96 20.74
C LYS A 225 -1.39 4.56 20.88
N ASP A 226 -0.51 5.44 20.44
CA ASP A 226 0.93 5.28 20.46
C ASP A 226 1.47 4.20 19.54
N LYS A 227 0.66 3.78 18.57
CA LYS A 227 1.04 2.74 17.63
C LYS A 227 0.77 3.26 16.20
N PRO A 228 1.69 4.08 15.66
CA PRO A 228 1.52 4.60 14.31
C PRO A 228 1.44 3.52 13.22
N GLY A 229 0.88 3.90 12.07
CA GLY A 229 1.09 3.11 10.88
C GLY A 229 2.55 3.23 10.49
N VAL A 230 3.13 2.13 9.99
CA VAL A 230 4.51 2.15 9.54
C VAL A 230 4.58 1.86 8.03
N TYR A 231 5.45 2.61 7.35
CA TYR A 231 5.49 2.70 5.89
C TYR A 231 6.88 2.50 5.36
N THR A 232 7.00 1.75 4.26
CA THR A 232 8.26 1.61 3.57
C THR A 232 8.68 2.98 3.04
N ARG A 233 9.90 3.39 3.38
CA ARG A 233 10.43 4.68 2.98
C ARG A 233 10.90 4.55 1.54
N VAL A 234 10.04 4.94 0.62
CA VAL A 234 10.30 4.71 -0.81
C VAL A 234 11.63 5.33 -1.25
N SER A 235 11.97 6.48 -0.67
CA SER A 235 13.18 7.20 -1.06
C SER A 235 14.46 6.40 -0.82
N HIS A 236 14.45 5.49 0.14
CA HIS A 236 15.60 4.60 0.36
C HIS A 236 15.75 3.52 -0.70
N PHE A 237 14.68 3.22 -1.45
CA PHE A 237 14.71 2.07 -2.36
C PHE A 237 14.83 2.46 -3.82
N LEU A 238 15.21 3.70 -4.11
CA LEU A 238 15.30 4.15 -5.52
C LEU A 238 16.26 3.33 -6.37
N PRO A 239 17.45 2.98 -5.84
CA PRO A 239 18.34 2.10 -6.64
C PRO A 239 17.74 0.75 -6.97
N TRP A 240 17.08 0.14 -5.98
CA TRP A 240 16.41 -1.14 -6.18
C TRP A 240 15.27 -1.08 -7.20
N ILE A 241 14.46 -0.02 -7.12
CA ILE A 241 13.36 0.21 -8.05
C ILE A 241 13.94 0.43 -9.46
N ARG A 242 14.90 1.34 -9.56
CA ARG A 242 15.59 1.60 -10.83
C ARG A 242 16.17 0.31 -11.46
N SER A 243 16.89 -0.48 -10.68
CA SER A 243 17.54 -1.67 -11.23
C SER A 243 16.53 -2.73 -11.71
N HIS A 244 15.43 -2.89 -10.98
CA HIS A 244 14.45 -3.95 -11.30
C HIS A 244 13.41 -3.57 -12.35
N THR A 245 13.29 -2.30 -12.71
CA THR A 245 12.32 -1.90 -13.73
C THR A 245 13.00 -1.78 -15.09
N GLY B 1 -5.01 -18.33 7.31
CA GLY B 1 -4.64 -16.91 7.22
C GLY B 1 -4.46 -16.27 8.59
N 81R B 2 -4.27 -14.95 8.57
CA 81R B 2 -4.02 -14.22 9.81
CB 81R B 2 -2.61 -13.79 9.89
CG 81R B 2 -1.60 -14.85 10.16
CD1 81R B 2 -0.31 -14.20 10.73
SE 81R B 2 0.39 -12.96 9.78
SD2 81R B 2 -1.33 -15.82 8.79
C 81R B 2 -4.82 -13.04 9.67
O 81R B 2 -4.80 -12.38 8.62
N ALA B 3 -5.58 -12.70 10.72
CA ALA B 3 -6.38 -11.48 10.73
C ALA B 3 -5.84 -10.50 11.79
N LEU B 4 -4.52 -10.41 11.89
CA LEU B 4 -3.88 -9.71 13.01
C LEU B 4 -3.41 -8.29 12.68
N GLY B 5 -3.45 -7.89 11.42
CA GLY B 5 -3.20 -6.51 11.06
C GLY B 5 -2.39 -6.40 9.78
N ARG B 6 -1.95 -5.18 9.52
CA ARG B 6 -1.08 -4.86 8.40
C ARG B 6 0.20 -5.70 8.51
N GLY B 7 0.47 -6.46 7.46
CA GLY B 7 1.62 -7.36 7.42
C GLY B 7 1.17 -8.79 7.26
N CYS B 8 -0.11 -9.04 7.53
CA CYS B 8 -0.69 -10.39 7.54
C CYS B 8 -1.59 -10.72 6.35
N GLU B 9 -1.79 -9.77 5.43
CA GLU B 9 -2.66 -9.99 4.27
C GLU B 9 -2.18 -11.19 3.45
N ASN B 10 -3.11 -12.02 3.00
CA ASN B 10 -2.78 -13.08 2.06
C ASN B 10 -1.64 -14.00 2.58
N HIS B 11 -1.71 -14.37 3.86
CA HIS B 11 -0.70 -15.26 4.46
C HIS B 11 -1.26 -16.66 4.69
N ARG B 12 -0.34 -17.62 4.82
CA ARG B 12 -0.71 -18.99 5.12
C ARG B 12 -0.38 -19.23 6.59
N CYS B 13 -1.39 -19.45 7.42
CA CYS B 13 -1.15 -19.90 8.80
C CYS B 13 -2.05 -21.06 9.13
N LEU B 14 -1.52 -22.28 9.02
CA LEU B 14 -2.29 -23.47 9.37
C LEU B 14 -2.42 -23.60 10.89
N NH2 B 15 -1.46 -22.97 11.64
S SO4 C . 15.76 -2.72 8.01
O1 SO4 C . 14.30 -2.84 7.84
O2 SO4 C . 16.07 -1.29 8.14
O3 SO4 C . 16.48 -3.28 6.84
O4 SO4 C . 16.17 -3.44 9.23
S SO4 D . -6.05 -21.31 -2.93
O1 SO4 D . -6.37 -21.28 -4.38
O2 SO4 D . -7.30 -21.52 -2.17
O3 SO4 D . -5.40 -20.06 -2.49
O4 SO4 D . -5.11 -22.41 -2.65
C1 GOL E . 14.95 11.54 13.40
O1 GOL E . 13.94 11.60 14.41
C2 GOL E . 14.46 12.31 12.19
O2 GOL E . 13.61 13.35 12.69
C3 GOL E . 13.68 11.41 11.21
O3 GOL E . 14.51 10.45 10.53
C ACT F . -10.30 -9.28 -19.85
O ACT F . -9.89 -8.19 -19.43
OXT ACT F . -10.22 -9.56 -21.07
CH3 ACT F . -10.90 -10.26 -18.88
CL CL G . 18.87 6.70 2.00
#